data_8VXG
#
_entry.id   8VXG
#
_cell.length_a   72.591
_cell.length_b   118.486
_cell.length_c   94.818
_cell.angle_alpha   90.00
_cell.angle_beta   90.00
_cell.angle_gamma   90.00
#
_symmetry.space_group_name_H-M   'C 2 2 21'
#
loop_
_entity.id
_entity.type
_entity.pdbx_description
1 polymer CYP125MRCA
2 non-polymer 'PROTOPORPHYRIN IX CONTAINING FE'
3 non-polymer '(1S,3Z)-3-[(2E)-2-[(1R,3AR,7AS)-7A-METHYL-1-[(2R)-6-METHYLHEPTAN-2-YL]-2,3,3A,5,6,7-HEXAHYDRO-1H-INDEN-4-YLIDENE]ETHYLI DENE]-4-METHYLIDENE-CYCLOHEXAN-1-OL'
4 non-polymer 1,2-ETHANEDIOL
5 non-polymer 'ISOPROPYL ALCOHOL'
6 non-polymer 'SODIUM ION'
7 water water
#
_entity_poly.entity_id   1
_entity_poly.type   'polypeptide(L)'
_entity_poly.pdbx_seq_one_letter_code
;MTTTTMAPTEIDLTDPDVYNRGVPHEQFAWLRRNEPVYWHPEPPPDTDGEGYWAVTRHADVVAVSRDPEIFSSQQGGTMI
QDADAAPEELEKQRMMMLNMDPPQHTRLRKLVSKGFTPRMIAKLEDKIRERAKQIVDEAIEKGECDFVADIAAELPLQVI
AELIGVPQEDRQRLFDWSNRMIGYDDPEYHSSEADGEQAAAEMFAYAQELAAERRKNPRDDIVTALVQAEVDGQKLSDLE
FNMFFLLLVVAGNETTRNAISHGMLALLEHPDQWERLRADPSLAPTAVDEILRWASPVMSFRRTATRDTELGGQQIKAGD
KVVMFYASANRDEEVFDDPYTFDITRSPNPHLAFGGGGGPHYCLGANLARLEIRVMFEELAEIMPDIELTGPPERLRSNF
INGIKHMPVRFTPARAVGGHHHHHH
;
_entity_poly.pdbx_strand_id   A
#
# COMPACT_ATOMS: atom_id res chain seq x y z
N PRO A 8 0.67 7.86 -29.01
CA PRO A 8 -0.48 7.90 -28.09
C PRO A 8 -0.78 9.31 -27.60
N THR A 9 -2.06 9.62 -27.45
CA THR A 9 -2.45 10.92 -26.90
C THR A 9 -1.87 11.09 -25.51
N GLU A 10 -1.63 12.35 -25.12
CA GLU A 10 -0.93 12.63 -23.88
C GLU A 10 -1.92 12.64 -22.72
N ILE A 11 -2.17 11.43 -22.21
CA ILE A 11 -3.07 11.22 -21.09
C ILE A 11 -2.56 11.92 -19.84
N ASP A 12 -3.48 12.43 -19.01
CA ASP A 12 -3.13 13.01 -17.72
C ASP A 12 -3.15 11.89 -16.69
N LEU A 13 -1.96 11.38 -16.35
CA LEU A 13 -1.84 10.28 -15.40
C LEU A 13 -2.18 10.68 -13.96
N THR A 14 -2.45 11.95 -13.69
CA THR A 14 -2.92 12.36 -12.37
C THR A 14 -4.44 12.38 -12.26
N ASP A 15 -5.13 12.05 -13.35
CA ASP A 15 -6.60 12.07 -13.38
C ASP A 15 -7.14 10.69 -13.03
N PRO A 16 -7.85 10.53 -11.90
CA PRO A 16 -8.41 9.21 -11.56
C PRO A 16 -9.16 8.53 -12.68
N ASP A 17 -9.82 9.30 -13.55
CA ASP A 17 -10.67 8.66 -14.56
C ASP A 17 -9.85 7.86 -15.55
N VAL A 18 -8.57 8.20 -15.76
CA VAL A 18 -7.78 7.43 -16.72
C VAL A 18 -7.51 6.02 -16.23
N TYR A 19 -7.71 5.74 -14.92
CA TYR A 19 -7.57 4.41 -14.36
C TYR A 19 -8.90 3.64 -14.27
N ASN A 20 -10.00 4.21 -14.76
CA ASN A 20 -11.31 3.60 -14.57
C ASN A 20 -11.39 2.21 -15.19
N ARG A 21 -10.79 2.04 -16.37
CA ARG A 21 -10.77 0.75 -17.07
C ARG A 21 -9.50 -0.04 -16.79
N GLY A 22 -8.86 0.18 -15.65
CA GLY A 22 -7.67 -0.54 -15.25
C GLY A 22 -6.41 0.29 -15.44
N VAL A 23 -5.30 -0.26 -14.97
CA VAL A 23 -4.01 0.45 -15.04
C VAL A 23 -3.62 0.63 -16.51
N PRO A 24 -3.24 1.83 -16.94
CA PRO A 24 -2.99 2.11 -18.38
C PRO A 24 -1.62 1.62 -18.82
N HIS A 25 -1.46 0.30 -18.86
CA HIS A 25 -0.12 -0.24 -19.03
C HIS A 25 0.44 -0.02 -20.43
N GLU A 26 -0.41 0.22 -21.45
CA GLU A 26 0.13 0.52 -22.77
C GLU A 26 0.72 1.92 -22.80
N GLN A 27 0.08 2.87 -22.12
CA GLN A 27 0.67 4.18 -22.00
C GLN A 27 2.03 4.12 -21.30
N PHE A 28 2.12 3.37 -20.20
CA PHE A 28 3.41 3.23 -19.51
C PHE A 28 4.43 2.55 -20.42
N ALA A 29 3.98 1.57 -21.21
CA ALA A 29 4.90 0.83 -22.07
C ALA A 29 5.49 1.73 -23.14
N TRP A 30 4.66 2.57 -23.76
CA TRP A 30 5.14 3.54 -24.73
C TRP A 30 6.13 4.53 -24.09
N LEU A 31 5.83 5.01 -22.88
CA LEU A 31 6.71 5.97 -22.23
C LEU A 31 8.07 5.34 -21.91
N ARG A 32 8.07 4.14 -21.32
CA ARG A 32 9.33 3.45 -21.01
C ARG A 32 10.23 3.34 -22.23
N ARG A 33 9.65 3.02 -23.39
CA ARG A 33 10.43 2.80 -24.61
C ARG A 33 10.86 4.12 -25.26
N ASN A 34 9.99 5.14 -25.26
CA ASN A 34 10.22 6.33 -26.07
C ASN A 34 10.50 7.61 -25.28
N GLU A 35 9.98 7.76 -24.06
CA GLU A 35 10.17 8.98 -23.27
C GLU A 35 10.11 8.63 -21.79
N PRO A 36 11.13 7.93 -21.28
CA PRO A 36 11.01 7.36 -19.93
C PRO A 36 11.02 8.41 -18.84
N VAL A 37 11.52 9.62 -19.11
CA VAL A 37 11.45 10.75 -18.19
C VAL A 37 10.79 11.87 -19.00
N TYR A 38 9.50 12.08 -18.79
CA TYR A 38 8.71 12.80 -19.75
C TYR A 38 7.94 13.93 -19.08
N TRP A 39 8.04 15.12 -19.66
CA TRP A 39 7.37 16.28 -19.11
C TRP A 39 5.98 16.35 -19.70
N HIS A 40 4.96 16.15 -18.87
CA HIS A 40 3.59 16.32 -19.30
C HIS A 40 3.18 17.74 -18.99
N PRO A 41 2.90 18.58 -19.99
CA PRO A 41 2.49 19.95 -19.73
C PRO A 41 1.02 20.01 -19.40
N GLU A 42 0.63 21.06 -18.65
CA GLU A 42 -0.76 21.35 -18.32
C GLU A 42 -1.24 22.57 -19.10
N GLU A 50 2.28 22.89 -12.10
CA GLU A 50 1.24 22.67 -13.10
C GLU A 50 1.46 21.33 -13.81
N GLY A 51 2.50 21.28 -14.66
CA GLY A 51 2.92 20.05 -15.29
C GLY A 51 3.62 19.12 -14.31
N TYR A 52 4.06 17.98 -14.84
CA TYR A 52 4.78 17.00 -14.02
C TYR A 52 5.67 16.15 -14.91
N TRP A 53 6.73 15.63 -14.32
CA TRP A 53 7.58 14.62 -14.95
C TRP A 53 7.06 13.23 -14.62
N ALA A 54 6.82 12.42 -15.65
CA ALA A 54 6.48 11.02 -15.46
C ALA A 54 7.76 10.19 -15.53
N VAL A 55 8.03 9.42 -14.48
CA VAL A 55 9.22 8.59 -14.38
C VAL A 55 8.72 7.15 -14.41
N THR A 56 9.02 6.43 -15.51
CA THR A 56 8.38 5.14 -15.75
C THR A 56 9.31 3.95 -15.75
N ARG A 57 10.62 4.15 -15.80
CA ARG A 57 11.53 3.03 -15.77
C ARG A 57 11.95 2.70 -14.35
N HIS A 58 12.20 1.41 -14.13
CA HIS A 58 12.61 0.90 -12.83
C HIS A 58 13.86 1.62 -12.30
N ALA A 59 14.90 1.73 -13.12
CA ALA A 59 16.15 2.33 -12.64
C ALA A 59 15.94 3.78 -12.25
N ASP A 60 15.10 4.51 -12.98
CA ASP A 60 14.90 5.92 -12.67
C ASP A 60 14.03 6.11 -11.44
N VAL A 61 13.02 5.25 -11.25
CA VAL A 61 12.27 5.27 -10.00
C VAL A 61 13.21 5.03 -8.82
N VAL A 62 14.11 4.05 -8.95
CA VAL A 62 15.07 3.79 -7.87
C VAL A 62 15.97 5.01 -7.63
N ALA A 63 16.45 5.65 -8.69
CA ALA A 63 17.34 6.80 -8.52
C ALA A 63 16.64 7.96 -7.82
N VAL A 64 15.40 8.26 -8.24
CA VAL A 64 14.64 9.32 -7.57
C VAL A 64 14.44 8.97 -6.11
N SER A 65 14.03 7.72 -5.82
CA SER A 65 13.70 7.29 -4.47
C SER A 65 14.87 7.46 -3.51
N ARG A 66 16.08 7.15 -3.97
CA ARG A 66 17.20 7.07 -3.04
C ARG A 66 17.88 8.41 -2.79
N ASP A 67 17.39 9.51 -3.40
CA ASP A 67 17.98 10.84 -3.21
C ASP A 67 16.94 11.83 -2.71
N PRO A 68 16.63 11.80 -1.41
CA PRO A 68 15.64 12.76 -0.88
C PRO A 68 16.16 14.19 -0.80
N GLU A 69 17.47 14.39 -0.85
CA GLU A 69 18.01 15.75 -0.88
C GLU A 69 17.61 16.47 -2.15
N ILE A 70 17.62 15.77 -3.28
CA ILE A 70 17.21 16.39 -4.53
C ILE A 70 15.71 16.22 -4.77
N PHE A 71 15.17 15.03 -4.51
CA PHE A 71 13.76 14.73 -4.75
C PHE A 71 13.05 14.65 -3.41
N SER A 72 12.51 15.79 -2.98
CA SER A 72 11.99 15.95 -1.63
C SER A 72 10.56 15.42 -1.52
N SER A 73 10.25 14.85 -0.35
CA SER A 73 8.86 14.52 -0.03
C SER A 73 8.15 15.64 0.73
N GLN A 74 8.91 16.45 1.45
CA GLN A 74 8.32 17.51 2.26
C GLN A 74 7.94 18.75 1.45
N GLN A 75 8.71 19.09 0.42
CA GLN A 75 8.54 20.39 -0.24
C GLN A 75 7.16 20.53 -0.88
N GLY A 76 6.66 19.46 -1.50
CA GLY A 76 5.35 19.50 -2.11
C GLY A 76 4.46 18.35 -1.72
N GLY A 77 4.83 17.59 -0.68
CA GLY A 77 4.06 16.41 -0.34
C GLY A 77 4.30 15.28 -1.34
N THR A 78 3.52 14.21 -1.18
CA THR A 78 3.73 13.01 -1.99
C THR A 78 2.52 12.63 -2.83
N MET A 79 1.42 13.37 -2.78
N MET A 79 1.42 13.38 -2.76
CA MET A 79 0.29 13.07 -3.64
CA MET A 79 0.27 13.13 -3.63
C MET A 79 0.49 13.74 -5.00
C MET A 79 0.54 13.72 -5.02
N ILE A 80 -0.04 13.10 -6.04
CA ILE A 80 0.36 13.44 -7.40
C ILE A 80 -0.45 14.57 -8.03
N GLN A 81 -1.61 14.92 -7.48
CA GLN A 81 -2.42 15.98 -8.06
C GLN A 81 -1.97 17.34 -7.54
N ASP A 82 -2.21 18.37 -8.36
CA ASP A 82 -1.77 19.72 -8.04
C ASP A 82 -2.58 20.31 -6.88
N PRO A 87 -2.62 25.42 -0.30
CA PRO A 87 -1.54 25.47 0.69
C PRO A 87 -1.97 24.85 2.01
N GLU A 88 -3.28 24.85 2.27
CA GLU A 88 -3.76 24.28 3.53
C GLU A 88 -3.65 22.76 3.51
N GLU A 89 -3.71 22.14 2.32
CA GLU A 89 -3.56 20.68 2.24
C GLU A 89 -2.15 20.27 2.61
N LEU A 90 -1.15 20.92 2.01
CA LEU A 90 0.24 20.61 2.33
C LEU A 90 0.53 20.78 3.81
N GLU A 91 0.03 21.86 4.42
CA GLU A 91 0.30 22.12 5.84
C GLU A 91 -0.41 21.11 6.74
N LYS A 92 -1.64 20.73 6.37
CA LYS A 92 -2.39 19.74 7.13
C LYS A 92 -1.88 18.32 6.93
N GLN A 93 -0.83 18.12 6.14
CA GLN A 93 -0.33 16.77 5.94
C GLN A 93 1.19 16.67 6.07
N ARG A 94 1.88 17.79 6.25
CA ARG A 94 3.31 17.76 6.51
C ARG A 94 3.64 17.10 7.85
N MET A 95 2.62 16.76 8.62
CA MET A 95 2.76 16.03 9.87
C MET A 95 2.76 14.51 9.64
N MET A 96 2.44 14.08 8.42
CA MET A 96 2.58 12.67 8.05
C MET A 96 4.04 12.32 7.82
N MET A 97 4.47 11.17 8.35
N MET A 97 4.48 11.17 8.34
CA MET A 97 5.87 10.76 8.19
CA MET A 97 5.88 10.83 8.18
C MET A 97 6.25 10.62 6.72
C MET A 97 6.26 10.60 6.71
N LEU A 98 5.29 10.21 5.87
CA LEU A 98 5.54 10.14 4.43
C LEU A 98 6.03 11.46 3.86
N ASN A 99 5.60 12.59 4.43
CA ASN A 99 5.90 13.89 3.87
C ASN A 99 7.04 14.59 4.61
N MET A 100 7.91 13.83 5.25
CA MET A 100 9.06 14.39 5.94
C MET A 100 10.33 14.01 5.18
N ASP A 101 11.31 14.91 5.21
CA ASP A 101 12.66 14.60 4.74
C ASP A 101 13.60 14.43 5.93
N PRO A 102 14.72 13.73 5.75
CA PRO A 102 15.78 13.77 6.75
C PRO A 102 16.25 15.20 6.94
N PRO A 103 16.68 15.56 8.16
CA PRO A 103 16.80 14.66 9.31
C PRO A 103 15.51 14.44 10.12
N GLN A 104 14.51 15.28 9.90
CA GLN A 104 13.26 15.09 10.64
C GLN A 104 12.75 13.67 10.47
N HIS A 105 12.73 13.20 9.23
CA HIS A 105 12.21 11.86 8.95
C HIS A 105 13.01 10.79 9.66
N THR A 106 14.32 10.93 9.69
CA THR A 106 15.18 9.89 10.25
C THR A 106 14.85 9.65 11.71
N ARG A 107 14.68 10.74 12.46
CA ARG A 107 14.33 10.64 13.86
C ARG A 107 12.99 9.94 14.06
N LEU A 108 11.97 10.37 13.31
CA LEU A 108 10.65 9.77 13.50
C LEU A 108 10.66 8.29 13.13
N ARG A 109 11.30 7.93 12.02
CA ARG A 109 11.33 6.53 11.64
C ARG A 109 12.08 5.67 12.66
N LYS A 110 13.10 6.22 13.34
CA LYS A 110 13.76 5.43 14.39
C LYS A 110 12.80 5.16 15.54
N LEU A 111 11.92 6.12 15.86
CA LEU A 111 10.98 5.95 16.97
C LEU A 111 9.91 4.91 16.68
N VAL A 112 9.36 4.91 15.45
CA VAL A 112 8.16 4.11 15.22
C VAL A 112 8.47 2.73 14.66
N SER A 113 9.72 2.42 14.32
N SER A 113 9.72 2.42 14.32
CA SER A 113 10.07 1.19 13.61
CA SER A 113 10.04 1.18 13.62
C SER A 113 10.32 0.01 14.54
C SER A 113 10.25 -0.01 14.54
N LYS A 114 10.30 0.22 15.86
CA LYS A 114 10.68 -0.85 16.80
C LYS A 114 9.77 -2.07 16.67
N GLY A 115 8.47 -1.85 16.53
CA GLY A 115 7.57 -2.99 16.46
C GLY A 115 7.44 -3.66 15.11
N PHE A 116 8.23 -3.28 14.12
CA PHE A 116 8.04 -3.79 12.76
C PHE A 116 9.25 -4.52 12.19
N THR A 117 10.28 -4.74 13.02
CA THR A 117 11.45 -5.52 12.62
C THR A 117 11.05 -6.95 12.27
N PRO A 118 11.87 -7.64 11.49
CA PRO A 118 11.50 -9.01 11.08
C PRO A 118 11.26 -9.96 12.24
N ARG A 119 12.00 -9.82 13.34
CA ARG A 119 11.78 -10.71 14.48
C ARG A 119 10.46 -10.42 15.16
N MET A 120 10.09 -9.15 15.27
CA MET A 120 8.81 -8.80 15.89
C MET A 120 7.63 -9.28 15.04
N ILE A 121 7.76 -9.18 13.71
CA ILE A 121 6.66 -9.57 12.84
C ILE A 121 6.52 -11.09 12.81
N ALA A 122 7.65 -11.81 12.80
CA ALA A 122 7.56 -13.27 12.72
C ALA A 122 6.83 -13.87 13.91
N LYS A 123 6.79 -13.15 15.04
CA LYS A 123 6.05 -13.61 16.22
C LYS A 123 4.54 -13.68 15.99
N LEU A 124 4.03 -13.15 14.88
CA LEU A 124 2.60 -13.07 14.66
C LEU A 124 2.06 -14.15 13.74
N GLU A 125 2.94 -14.93 13.11
CA GLU A 125 2.51 -15.85 12.05
C GLU A 125 1.43 -16.81 12.53
N ASP A 126 1.61 -17.42 13.70
CA ASP A 126 0.64 -18.42 14.16
C ASP A 126 -0.73 -17.78 14.42
N LYS A 127 -0.75 -16.58 15.00
CA LYS A 127 -2.00 -15.90 15.24
C LYS A 127 -2.64 -15.46 13.93
N ILE A 128 -1.84 -14.96 12.99
CA ILE A 128 -2.37 -14.59 11.68
C ILE A 128 -2.93 -15.82 10.96
N ARG A 129 -2.24 -16.96 11.07
CA ARG A 129 -2.75 -18.18 10.44
C ARG A 129 -4.04 -18.65 11.09
N GLU A 130 -4.15 -18.55 12.41
CA GLU A 130 -5.39 -18.90 13.09
C GLU A 130 -6.55 -18.07 12.56
N ARG A 131 -6.34 -16.77 12.35
CA ARG A 131 -7.41 -15.92 11.83
C ARG A 131 -7.76 -16.25 10.40
N ALA A 132 -6.74 -16.48 9.56
CA ALA A 132 -6.97 -16.77 8.15
C ALA A 132 -7.78 -18.05 7.98
N LYS A 133 -7.44 -19.10 8.76
CA LYS A 133 -8.18 -20.35 8.69
C LYS A 133 -9.65 -20.13 9.04
N GLN A 134 -9.92 -19.35 10.09
CA GLN A 134 -11.28 -19.08 10.48
C GLN A 134 -12.01 -18.23 9.45
N ILE A 135 -11.32 -17.25 8.86
CA ILE A 135 -11.96 -16.40 7.85
C ILE A 135 -12.30 -17.21 6.60
N VAL A 136 -11.35 -18.03 6.13
CA VAL A 136 -11.63 -18.85 4.95
C VAL A 136 -12.75 -19.85 5.25
N ASP A 137 -12.72 -20.47 6.43
CA ASP A 137 -13.77 -21.44 6.77
C ASP A 137 -15.15 -20.79 6.73
N GLU A 138 -15.30 -19.61 7.32
CA GLU A 138 -16.60 -18.95 7.34
C GLU A 138 -17.05 -18.52 5.96
N ALA A 139 -16.10 -18.15 5.09
CA ALA A 139 -16.47 -17.78 3.73
C ALA A 139 -16.95 -19.00 2.95
N ILE A 140 -16.27 -20.14 3.13
CA ILE A 140 -16.69 -21.36 2.43
C ILE A 140 -18.06 -21.79 2.91
N GLU A 141 -18.33 -21.69 4.21
CA GLU A 141 -19.64 -22.03 4.73
C GLU A 141 -20.73 -21.16 4.11
N LYS A 142 -20.43 -19.87 3.91
CA LYS A 142 -21.42 -18.99 3.31
C LYS A 142 -21.71 -19.37 1.86
N GLY A 143 -20.74 -19.90 1.14
CA GLY A 143 -20.95 -20.29 -0.24
C GLY A 143 -20.68 -19.14 -1.18
N GLU A 144 -21.67 -18.30 -1.40
N GLU A 144 -21.66 -18.26 -1.35
CA GLU A 144 -21.52 -17.12 -2.22
CA GLU A 144 -21.51 -17.11 -2.23
C GLU A 144 -21.21 -15.93 -1.32
C GLU A 144 -21.29 -15.87 -1.39
N CYS A 145 -20.22 -15.12 -1.70
CA CYS A 145 -19.87 -13.95 -0.90
C CYS A 145 -19.10 -12.96 -1.75
N ASP A 146 -18.75 -11.84 -1.11
CA ASP A 146 -17.88 -10.82 -1.69
C ASP A 146 -16.46 -11.15 -1.26
N PHE A 147 -15.59 -11.46 -2.23
CA PHE A 147 -14.24 -11.83 -1.85
C PHE A 147 -13.54 -10.71 -1.08
N VAL A 148 -13.88 -9.46 -1.36
CA VAL A 148 -13.27 -8.34 -0.65
C VAL A 148 -13.75 -8.31 0.79
N ALA A 149 -15.06 -8.18 1.01
CA ALA A 149 -15.57 -7.97 2.36
C ALA A 149 -15.31 -9.19 3.24
N ASP A 150 -15.40 -10.39 2.68
CA ASP A 150 -15.37 -11.56 3.53
C ASP A 150 -13.98 -12.16 3.68
N ILE A 151 -13.02 -11.79 2.83
CA ILE A 151 -11.71 -12.44 2.87
C ILE A 151 -10.60 -11.40 2.77
N ALA A 152 -10.51 -10.71 1.63
CA ALA A 152 -9.34 -9.87 1.35
C ALA A 152 -9.23 -8.73 2.33
N ALA A 153 -10.35 -8.07 2.66
CA ALA A 153 -10.28 -6.98 3.62
C ALA A 153 -10.27 -7.47 5.06
N GLU A 154 -10.89 -8.62 5.33
CA GLU A 154 -11.15 -9.03 6.71
C GLU A 154 -9.87 -9.49 7.42
N LEU A 155 -9.00 -10.23 6.74
CA LEU A 155 -7.79 -10.67 7.40
C LEU A 155 -6.90 -9.49 7.79
N PRO A 156 -6.52 -8.58 6.88
CA PRO A 156 -5.68 -7.45 7.32
C PRO A 156 -6.37 -6.58 8.34
N LEU A 157 -7.70 -6.50 8.33
CA LEU A 157 -8.42 -5.68 9.31
C LEU A 157 -8.29 -6.26 10.72
N GLN A 158 -8.63 -7.55 10.88
CA GLN A 158 -8.44 -8.20 12.18
C GLN A 158 -6.99 -8.12 12.65
N VAL A 159 -6.04 -8.33 11.74
CA VAL A 159 -4.63 -8.37 12.14
C VAL A 159 -4.16 -6.99 12.61
N ILE A 160 -4.50 -5.93 11.87
CA ILE A 160 -4.03 -4.60 12.25
C ILE A 160 -4.71 -4.14 13.53
N ALA A 161 -5.97 -4.51 13.74
CA ALA A 161 -6.62 -4.17 15.00
C ALA A 161 -5.91 -4.86 16.17
N GLU A 162 -5.61 -6.15 16.03
CA GLU A 162 -4.95 -6.87 17.10
C GLU A 162 -3.53 -6.34 17.33
N LEU A 163 -2.82 -6.02 16.24
CA LEU A 163 -1.45 -5.56 16.36
C LEU A 163 -1.39 -4.19 17.03
N ILE A 164 -2.23 -3.26 16.58
CA ILE A 164 -2.28 -1.92 17.18
C ILE A 164 -2.69 -2.01 18.63
N GLY A 165 -3.64 -2.88 18.93
CA GLY A 165 -4.26 -2.94 20.24
C GLY A 165 -5.68 -2.46 20.28
N VAL A 166 -6.39 -2.44 19.16
N VAL A 166 -6.39 -2.44 19.16
CA VAL A 166 -7.80 -2.03 19.17
CA VAL A 166 -7.80 -2.06 19.06
C VAL A 166 -8.65 -3.29 19.34
C VAL A 166 -8.64 -3.30 19.34
N PRO A 167 -9.65 -3.26 20.22
CA PRO A 167 -10.51 -4.43 20.41
C PRO A 167 -11.21 -4.86 19.12
N GLN A 168 -11.32 -6.17 18.93
CA GLN A 168 -11.90 -6.68 17.69
C GLN A 168 -13.31 -6.12 17.45
N GLU A 169 -14.03 -5.82 18.54
CA GLU A 169 -15.37 -5.25 18.39
C GLU A 169 -15.34 -3.90 17.66
N ASP A 170 -14.21 -3.19 17.72
CA ASP A 170 -14.09 -1.86 17.14
C ASP A 170 -13.46 -1.85 15.75
N ARG A 171 -13.12 -3.01 15.18
CA ARG A 171 -12.34 -3.01 13.96
C ARG A 171 -13.10 -2.37 12.80
N GLN A 172 -14.42 -2.51 12.76
CA GLN A 172 -15.18 -1.92 11.66
C GLN A 172 -15.10 -0.40 11.65
N ARG A 173 -14.94 0.22 12.82
CA ARG A 173 -14.68 1.66 12.84
C ARG A 173 -13.37 1.97 12.13
N LEU A 174 -12.34 1.13 12.33
CA LEU A 174 -11.06 1.36 11.66
C LEU A 174 -11.21 1.27 10.15
N PHE A 175 -11.95 0.27 9.68
CA PHE A 175 -12.14 0.09 8.25
C PHE A 175 -12.88 1.27 7.64
N ASP A 176 -13.94 1.73 8.30
CA ASP A 176 -14.74 2.81 7.73
C ASP A 176 -13.94 4.10 7.69
N TRP A 177 -13.16 4.38 8.75
CA TRP A 177 -12.30 5.54 8.74
C TRP A 177 -11.31 5.47 7.58
N SER A 178 -10.68 4.31 7.42
CA SER A 178 -9.64 4.19 6.40
C SER A 178 -10.22 4.40 5.02
N ASN A 179 -11.39 3.83 4.74
CA ASN A 179 -12.01 4.02 3.43
C ASN A 179 -12.25 5.50 3.17
N ARG A 180 -12.68 6.24 4.20
CA ARG A 180 -12.92 7.66 4.03
C ARG A 180 -11.62 8.41 3.78
N MET A 181 -10.50 7.93 4.33
N MET A 181 -10.51 7.94 4.35
CA MET A 181 -9.25 8.65 4.17
CA MET A 181 -9.23 8.62 4.17
C MET A 181 -8.71 8.58 2.75
C MET A 181 -8.78 8.60 2.71
N ILE A 182 -8.83 7.42 2.09
CA ILE A 182 -8.31 7.27 0.73
C ILE A 182 -9.38 7.27 -0.33
N GLY A 183 -10.65 7.14 0.04
CA GLY A 183 -11.69 7.01 -0.97
C GLY A 183 -12.21 8.35 -1.45
N TYR A 184 -11.37 9.39 -1.34
CA TYR A 184 -11.83 10.76 -1.61
C TYR A 184 -12.16 11.01 -3.08
N ASP A 185 -11.90 10.06 -3.98
CA ASP A 185 -12.27 10.18 -5.39
C ASP A 185 -13.31 9.15 -5.81
N ASP A 186 -13.82 8.35 -4.88
CA ASP A 186 -14.82 7.35 -5.20
C ASP A 186 -16.12 7.68 -4.48
N PRO A 187 -17.25 7.78 -5.19
CA PRO A 187 -18.50 8.22 -4.54
C PRO A 187 -18.97 7.31 -3.42
N GLU A 188 -18.62 6.02 -3.46
CA GLU A 188 -19.09 5.11 -2.41
C GLU A 188 -18.44 5.41 -1.06
N TYR A 189 -17.23 5.93 -1.05
CA TYR A 189 -16.50 6.10 0.20
C TYR A 189 -16.41 7.55 0.68
N HIS A 190 -16.94 8.50 -0.07
CA HIS A 190 -16.94 9.88 0.38
C HIS A 190 -18.25 10.54 0.01
N SER A 191 -18.75 11.37 0.92
CA SER A 191 -19.92 12.20 0.67
C SER A 191 -19.55 13.60 0.21
N SER A 192 -18.42 14.14 0.67
CA SER A 192 -17.87 15.40 0.17
C SER A 192 -16.43 15.53 0.64
N GLU A 193 -15.84 16.69 0.37
CA GLU A 193 -14.39 16.87 0.47
C GLU A 193 -13.85 16.81 1.89
N ALA A 194 -14.68 16.91 2.92
CA ALA A 194 -14.22 16.97 4.30
C ALA A 194 -14.44 15.68 5.07
N ASP A 195 -14.90 14.64 4.38
CA ASP A 195 -15.11 13.34 5.01
C ASP A 195 -13.84 12.84 5.67
N GLY A 196 -12.71 12.95 4.98
CA GLY A 196 -11.46 12.41 5.50
C GLY A 196 -10.95 13.17 6.70
N GLU A 197 -11.05 14.50 6.66
CA GLU A 197 -10.64 15.33 7.79
C GLU A 197 -11.46 15.00 9.04
N GLN A 198 -12.76 14.75 8.87
CA GLN A 198 -13.57 14.38 10.02
C GLN A 198 -13.24 12.98 10.51
N ALA A 199 -12.99 12.05 9.57
CA ALA A 199 -12.49 10.74 9.96
C ALA A 199 -11.21 10.87 10.79
N ALA A 200 -10.29 11.74 10.36
CA ALA A 200 -9.03 11.92 11.11
C ALA A 200 -9.28 12.47 12.50
N ALA A 201 -10.18 13.45 12.62
CA ALA A 201 -10.48 13.99 13.94
C ALA A 201 -10.99 12.89 14.86
N GLU A 202 -11.87 12.03 14.36
CA GLU A 202 -12.40 10.93 15.18
C GLU A 202 -11.30 9.94 15.54
N MET A 203 -10.45 9.61 14.58
CA MET A 203 -9.40 8.62 14.86
C MET A 203 -8.37 9.19 15.83
N PHE A 204 -8.03 10.49 15.71
CA PHE A 204 -7.12 11.12 16.68
C PHE A 204 -7.66 11.05 18.08
N ALA A 205 -8.94 11.33 18.27
CA ALA A 205 -9.53 11.22 19.59
C ALA A 205 -9.47 9.79 20.11
N TYR A 206 -9.76 8.82 19.23
CA TYR A 206 -9.68 7.42 19.63
C TYR A 206 -8.25 7.02 19.96
N ALA A 207 -7.29 7.45 19.14
CA ALA A 207 -5.89 7.10 19.37
C ALA A 207 -5.39 7.67 20.68
N GLN A 208 -5.78 8.90 21.01
CA GLN A 208 -5.34 9.50 22.26
C GLN A 208 -5.93 8.79 23.46
N GLU A 209 -7.18 8.34 23.39
CA GLU A 209 -7.74 7.54 24.47
C GLU A 209 -6.94 6.25 24.68
N LEU A 210 -6.59 5.57 23.58
CA LEU A 210 -5.80 4.33 23.70
C LEU A 210 -4.41 4.62 24.25
N ALA A 211 -3.75 5.67 23.76
CA ALA A 211 -2.41 6.02 24.27
C ALA A 211 -2.43 6.29 25.77
N ALA A 212 -3.41 7.07 26.25
CA ALA A 212 -3.52 7.34 27.68
C ALA A 212 -3.67 6.05 28.48
N GLU A 213 -4.48 5.13 27.97
CA GLU A 213 -4.70 3.88 28.69
C GLU A 213 -3.43 3.03 28.73
N ARG A 214 -2.69 2.93 27.61
CA ARG A 214 -1.49 2.10 27.62
C ARG A 214 -0.33 2.75 28.37
N ARG A 215 -0.29 4.10 28.44
CA ARG A 215 0.70 4.73 29.32
C ARG A 215 0.50 4.29 30.76
N LYS A 216 -0.76 4.22 31.20
CA LYS A 216 -1.07 3.79 32.55
C LYS A 216 -0.93 2.29 32.71
N ASN A 217 -1.44 1.52 31.75
CA ASN A 217 -1.49 0.07 31.85
C ASN A 217 -0.95 -0.58 30.58
N PRO A 218 0.36 -0.81 30.51
CA PRO A 218 0.95 -1.25 29.26
C PRO A 218 0.48 -2.66 28.85
N ARG A 219 0.46 -2.89 27.54
CA ARG A 219 0.07 -4.18 26.98
C ARG A 219 1.04 -4.54 25.87
N ASP A 220 0.88 -5.75 25.32
CA ASP A 220 1.74 -6.18 24.23
C ASP A 220 1.06 -5.80 22.90
N ASP A 221 1.21 -4.55 22.53
CA ASP A 221 0.64 -4.05 21.28
C ASP A 221 1.46 -2.87 20.81
N ILE A 222 1.14 -2.38 19.61
CA ILE A 222 1.95 -1.31 19.04
C ILE A 222 1.73 0.01 19.76
N VAL A 223 0.51 0.28 20.24
CA VAL A 223 0.27 1.52 20.96
C VAL A 223 1.21 1.63 22.15
N THR A 224 1.34 0.54 22.92
CA THR A 224 2.27 0.53 24.04
C THR A 224 3.71 0.73 23.57
N ALA A 225 4.13 -0.01 22.53
CA ALA A 225 5.47 0.18 21.99
C ALA A 225 5.71 1.63 21.61
N LEU A 226 4.71 2.28 21.02
CA LEU A 226 4.87 3.65 20.57
C LEU A 226 4.96 4.63 21.73
N VAL A 227 4.11 4.47 22.74
CA VAL A 227 4.15 5.43 23.85
C VAL A 227 5.42 5.27 24.67
N GLN A 228 6.01 4.07 24.70
CA GLN A 228 7.25 3.82 25.43
C GLN A 228 8.52 4.16 24.65
N ALA A 229 8.43 4.25 23.33
CA ALA A 229 9.59 4.40 22.47
C ALA A 229 10.43 5.61 22.87
N GLU A 230 11.75 5.44 22.85
CA GLU A 230 12.67 6.55 23.11
C GLU A 230 13.95 6.32 22.31
N VAL A 231 14.33 7.30 21.51
CA VAL A 231 15.56 7.22 20.73
C VAL A 231 16.28 8.56 20.80
N ASP A 232 17.56 8.53 21.18
CA ASP A 232 18.39 9.73 21.21
C ASP A 232 17.78 10.81 22.10
N GLY A 233 17.19 10.37 23.22
CA GLY A 233 16.58 11.31 24.15
C GLY A 233 15.26 11.88 23.70
N GLN A 234 14.64 11.31 22.68
CA GLN A 234 13.39 11.84 22.15
C GLN A 234 12.28 10.81 22.23
N LYS A 235 11.06 11.30 22.43
CA LYS A 235 9.88 10.46 22.44
C LYS A 235 8.83 11.05 21.51
N LEU A 236 7.82 10.26 21.18
CA LEU A 236 6.80 10.73 20.26
C LEU A 236 5.95 11.84 20.89
N SER A 237 5.77 12.92 20.15
CA SER A 237 4.81 13.93 20.57
C SER A 237 3.38 13.45 20.31
N ASP A 238 2.39 14.22 20.78
CA ASP A 238 0.99 13.85 20.58
C ASP A 238 0.65 13.76 19.10
N LEU A 239 1.03 14.78 18.33
CA LEU A 239 0.66 14.81 16.92
C LEU A 239 1.42 13.76 16.14
N GLU A 240 2.69 13.57 16.49
CA GLU A 240 3.49 12.50 15.88
C GLU A 240 2.84 11.15 16.09
N PHE A 241 2.44 10.86 17.32
CA PHE A 241 1.74 9.60 17.61
C PHE A 241 0.44 9.48 16.82
N ASN A 242 -0.40 10.52 16.86
CA ASN A 242 -1.69 10.46 16.17
C ASN A 242 -1.52 10.25 14.67
N MET A 243 -0.60 10.99 14.04
CA MET A 243 -0.42 10.85 12.60
C MET A 243 0.17 9.50 12.23
N PHE A 244 0.98 8.89 13.10
CA PHE A 244 1.48 7.56 12.77
C PHE A 244 0.41 6.50 12.98
N PHE A 245 -0.41 6.64 14.03
CA PHE A 245 -1.57 5.77 14.20
C PHE A 245 -2.44 5.81 12.95
N LEU A 246 -2.71 7.02 12.46
CA LEU A 246 -3.53 7.17 11.24
C LEU A 246 -2.89 6.48 10.05
N LEU A 247 -1.59 6.68 9.84
CA LEU A 247 -0.93 6.06 8.70
C LEU A 247 -0.95 4.53 8.79
N LEU A 248 -0.68 3.99 9.99
N LEU A 248 -0.74 4.01 10.01
CA LEU A 248 -0.75 2.54 10.18
CA LEU A 248 -0.73 2.57 10.24
C LEU A 248 -2.12 2.00 9.83
C LEU A 248 -2.10 1.94 9.98
N VAL A 249 -3.17 2.67 10.30
CA VAL A 249 -4.53 2.16 10.08
C VAL A 249 -4.87 2.20 8.59
N VAL A 250 -4.53 3.29 7.91
CA VAL A 250 -4.82 3.39 6.49
C VAL A 250 -3.93 2.43 5.69
N ALA A 251 -2.63 2.39 5.98
CA ALA A 251 -1.76 1.46 5.27
C ALA A 251 -2.18 0.02 5.55
N GLY A 252 -2.51 -0.29 6.80
CA GLY A 252 -2.94 -1.64 7.12
C GLY A 252 -4.18 -2.08 6.38
N ASN A 253 -5.05 -1.14 6.00
CA ASN A 253 -6.36 -1.49 5.48
C ASN A 253 -6.58 -1.20 4.00
N GLU A 254 -5.65 -0.52 3.31
CA GLU A 254 -5.91 -0.13 1.93
C GLU A 254 -4.84 -0.58 0.97
N THR A 255 -3.97 -1.50 1.37
CA THR A 255 -2.89 -1.91 0.49
C THR A 255 -2.96 -3.43 0.40
N THR A 256 -2.74 -4.09 1.54
CA THR A 256 -2.68 -5.55 1.56
C THR A 256 -3.95 -6.19 1.00
N ARG A 257 -5.12 -5.63 1.33
CA ARG A 257 -6.35 -6.23 0.82
C ARG A 257 -6.45 -6.15 -0.70
N ASN A 258 -5.87 -5.12 -1.31
CA ASN A 258 -5.88 -5.03 -2.76
C ASN A 258 -4.85 -5.94 -3.41
N ALA A 259 -3.72 -6.18 -2.74
CA ALA A 259 -2.84 -7.27 -3.19
C ALA A 259 -3.55 -8.61 -3.16
N ILE A 260 -4.31 -8.87 -2.11
CA ILE A 260 -5.00 -10.16 -2.03
C ILE A 260 -6.10 -10.26 -3.09
N SER A 261 -6.86 -9.18 -3.30
CA SER A 261 -7.93 -9.24 -4.29
C SER A 261 -7.40 -9.40 -5.70
N HIS A 262 -6.43 -8.56 -6.08
CA HIS A 262 -5.85 -8.69 -7.41
C HIS A 262 -5.08 -10.00 -7.57
N GLY A 263 -4.50 -10.49 -6.48
CA GLY A 263 -3.81 -11.77 -6.51
C GLY A 263 -4.76 -12.93 -6.76
N MET A 264 -5.89 -12.94 -6.05
CA MET A 264 -6.88 -13.97 -6.31
C MET A 264 -7.37 -13.89 -7.76
N LEU A 265 -7.67 -12.68 -8.24
CA LEU A 265 -8.13 -12.51 -9.61
C LEU A 265 -7.09 -13.01 -10.61
N ALA A 266 -5.83 -12.67 -10.38
CA ALA A 266 -4.75 -13.15 -11.24
C ALA A 266 -4.67 -14.67 -11.22
N LEU A 267 -4.84 -15.27 -10.04
CA LEU A 267 -4.75 -16.72 -9.96
C LEU A 267 -5.91 -17.40 -10.71
N LEU A 268 -7.13 -16.87 -10.59
CA LEU A 268 -8.26 -17.45 -11.32
C LEU A 268 -8.13 -17.26 -12.83
N GLU A 269 -7.58 -16.13 -13.26
CA GLU A 269 -7.45 -15.81 -14.67
C GLU A 269 -6.19 -16.38 -15.31
N HIS A 270 -5.30 -16.97 -14.51
CA HIS A 270 -4.14 -17.72 -14.97
C HIS A 270 -4.19 -19.08 -14.29
N PRO A 271 -5.19 -19.91 -14.61
CA PRO A 271 -5.52 -21.05 -13.76
C PRO A 271 -4.40 -22.06 -13.60
N ASP A 272 -3.49 -22.19 -14.57
CA ASP A 272 -2.32 -23.04 -14.39
C ASP A 272 -1.52 -22.64 -13.15
N GLN A 273 -1.40 -21.34 -12.88
CA GLN A 273 -0.64 -20.89 -11.72
C GLN A 273 -1.34 -21.28 -10.43
N TRP A 274 -2.67 -21.12 -10.39
CA TRP A 274 -3.45 -21.54 -9.23
C TRP A 274 -3.32 -23.03 -8.99
N GLU A 275 -3.36 -23.85 -10.06
CA GLU A 275 -3.17 -25.29 -9.90
C GLU A 275 -1.83 -25.58 -9.24
N ARG A 276 -0.76 -24.93 -9.73
CA ARG A 276 0.56 -25.16 -9.17
C ARG A 276 0.62 -24.84 -7.68
N LEU A 277 0.03 -23.71 -7.29
CA LEU A 277 0.04 -23.29 -5.90
C LEU A 277 -0.76 -24.27 -5.04
N ARG A 278 -1.92 -24.71 -5.54
CA ARG A 278 -2.71 -25.67 -4.80
C ARG A 278 -1.94 -26.98 -4.62
N ALA A 279 -1.21 -27.40 -5.65
CA ALA A 279 -0.46 -28.65 -5.54
C ALA A 279 0.77 -28.51 -4.65
N ASP A 280 1.40 -27.34 -4.64
CA ASP A 280 2.70 -27.14 -3.98
C ASP A 280 2.63 -25.87 -3.14
N PRO A 281 2.18 -25.96 -1.88
CA PRO A 281 2.13 -24.79 -1.01
C PRO A 281 3.48 -24.13 -0.77
N SER A 282 4.58 -24.82 -1.03
CA SER A 282 5.89 -24.22 -0.83
C SER A 282 6.19 -23.13 -1.86
N LEU A 283 5.36 -23.00 -2.90
CA LEU A 283 5.53 -21.93 -3.87
C LEU A 283 5.04 -20.58 -3.35
N ALA A 284 4.39 -20.55 -2.19
CA ALA A 284 3.74 -19.32 -1.74
C ALA A 284 4.69 -18.13 -1.53
N PRO A 285 5.88 -18.27 -0.92
CA PRO A 285 6.73 -17.07 -0.76
C PRO A 285 7.05 -16.37 -2.06
N THR A 286 7.45 -17.11 -3.12
N THR A 286 7.40 -17.11 -3.11
CA THR A 286 7.66 -16.43 -4.41
CA THR A 286 7.67 -16.49 -4.40
C THR A 286 6.36 -15.94 -5.01
C THR A 286 6.39 -16.01 -5.07
N ALA A 287 5.25 -16.67 -4.79
CA ALA A 287 3.99 -16.21 -5.31
C ALA A 287 3.59 -14.85 -4.72
N VAL A 288 3.96 -14.60 -3.47
CA VAL A 288 3.62 -13.31 -2.84
C VAL A 288 4.28 -12.16 -3.59
N ASP A 289 5.55 -12.33 -3.95
CA ASP A 289 6.23 -11.25 -4.65
C ASP A 289 5.70 -11.05 -6.06
N GLU A 290 5.31 -12.14 -6.74
CA GLU A 290 4.71 -11.97 -8.06
C GLU A 290 3.34 -11.30 -7.97
N ILE A 291 2.57 -11.64 -6.93
CA ILE A 291 1.30 -10.93 -6.71
C ILE A 291 1.55 -9.43 -6.48
N LEU A 292 2.59 -9.09 -5.70
CA LEU A 292 2.88 -7.68 -5.45
C LEU A 292 3.34 -6.95 -6.70
N ARG A 293 4.26 -7.55 -7.48
CA ARG A 293 4.66 -6.96 -8.75
C ARG A 293 3.46 -6.79 -9.67
N TRP A 294 2.59 -7.81 -9.70
CA TRP A 294 1.44 -7.82 -10.62
C TRP A 294 0.43 -6.74 -10.25
N ALA A 295 0.02 -6.70 -8.98
CA ALA A 295 -1.02 -5.79 -8.51
C ALA A 295 -0.53 -4.36 -8.37
N SER A 296 0.75 -4.17 -7.97
CA SER A 296 1.30 -2.86 -7.65
C SER A 296 0.24 -1.99 -6.96
N PRO A 297 -0.18 -2.34 -5.74
CA PRO A 297 -1.38 -1.68 -5.16
C PRO A 297 -1.19 -0.20 -4.96
N VAL A 298 0.02 0.25 -4.65
CA VAL A 298 0.30 1.69 -4.61
C VAL A 298 0.89 2.01 -5.98
N MET A 299 0.15 2.75 -6.80
CA MET A 299 0.53 2.92 -8.19
C MET A 299 1.64 3.95 -8.38
N SER A 300 1.66 5.01 -7.57
CA SER A 300 2.63 6.07 -7.75
C SER A 300 2.75 6.90 -6.47
N PHE A 301 3.87 7.61 -6.37
CA PHE A 301 4.07 8.66 -5.38
C PHE A 301 4.82 9.80 -6.03
N ARG A 302 4.67 10.98 -5.47
CA ARG A 302 5.27 12.16 -6.05
C ARG A 302 6.44 12.65 -5.20
N ARG A 303 7.37 13.36 -5.86
CA ARG A 303 8.45 14.12 -5.24
C ARG A 303 8.48 15.50 -5.87
N THR A 304 9.28 16.39 -5.30
CA THR A 304 9.51 17.72 -5.85
C THR A 304 11.01 17.98 -5.87
N ALA A 305 11.51 18.47 -6.99
CA ALA A 305 12.94 18.77 -7.08
C ALA A 305 13.28 20.01 -6.23
N THR A 306 14.32 19.89 -5.40
CA THR A 306 14.77 21.00 -4.55
C THR A 306 15.78 21.90 -5.23
N ARG A 307 16.29 21.50 -6.39
CA ARG A 307 17.29 22.25 -7.14
C ARG A 307 17.30 21.68 -8.54
N ASP A 308 17.97 22.40 -9.45
CA ASP A 308 18.14 21.94 -10.81
C ASP A 308 18.91 20.62 -10.83
N THR A 309 18.46 19.68 -11.66
CA THR A 309 19.15 18.39 -11.68
C THR A 309 18.89 17.71 -13.02
N GLU A 310 19.65 16.66 -13.28
CA GLU A 310 19.51 15.85 -14.48
C GLU A 310 19.06 14.44 -14.10
N LEU A 311 18.02 13.95 -14.76
CA LEU A 311 17.51 12.60 -14.55
C LEU A 311 17.29 11.96 -15.92
N GLY A 312 17.99 10.87 -16.18
CA GLY A 312 17.84 10.18 -17.47
C GLY A 312 18.07 11.09 -18.65
N GLY A 313 19.08 11.96 -18.58
CA GLY A 313 19.36 12.92 -19.63
C GLY A 313 18.36 14.05 -19.74
N GLN A 314 17.34 14.10 -18.90
CA GLN A 314 16.35 15.16 -18.90
C GLN A 314 16.66 16.18 -17.81
N GLN A 315 16.36 17.43 -18.11
CA GLN A 315 16.72 18.55 -17.26
C GLN A 315 15.52 18.94 -16.40
N ILE A 316 15.60 18.63 -15.12
CA ILE A 316 14.51 18.87 -14.19
C ILE A 316 14.84 20.14 -13.40
N LYS A 317 13.91 21.08 -13.36
CA LYS A 317 14.12 22.39 -12.75
C LYS A 317 13.61 22.41 -11.32
N ALA A 318 14.29 23.20 -10.47
CA ALA A 318 13.87 23.36 -9.09
C ALA A 318 12.39 23.67 -9.00
N GLY A 319 11.72 23.03 -8.04
CA GLY A 319 10.28 23.19 -7.89
C GLY A 319 9.44 22.25 -8.74
N ASP A 320 10.04 21.51 -9.67
CA ASP A 320 9.25 20.66 -10.58
C ASP A 320 8.68 19.45 -9.84
N LYS A 321 7.45 19.11 -10.17
CA LYS A 321 6.81 17.90 -9.67
C LYS A 321 7.31 16.68 -10.43
N VAL A 322 7.63 15.60 -9.70
CA VAL A 322 8.16 14.37 -10.28
C VAL A 322 7.33 13.20 -9.75
N VAL A 323 6.80 12.36 -10.65
CA VAL A 323 5.87 11.30 -10.26
C VAL A 323 6.48 9.96 -10.62
N MET A 324 6.67 9.10 -9.62
CA MET A 324 7.25 7.77 -9.81
C MET A 324 6.12 6.76 -10.01
N PHE A 325 6.13 6.06 -11.13
CA PHE A 325 5.05 5.11 -11.42
C PHE A 325 5.59 3.72 -11.15
N TYR A 326 5.30 3.21 -9.95
CA TYR A 326 5.72 1.87 -9.56
C TYR A 326 5.07 0.80 -10.44
N ALA A 327 3.82 1.00 -10.87
CA ALA A 327 3.19 0.02 -11.75
C ALA A 327 3.94 -0.13 -13.06
N SER A 328 4.43 0.99 -13.61
CA SER A 328 5.24 0.91 -14.83
C SER A 328 6.60 0.26 -14.56
N ALA A 329 7.25 0.64 -13.45
CA ALA A 329 8.53 0.02 -13.10
C ALA A 329 8.40 -1.49 -12.99
N ASN A 330 7.25 -1.96 -12.50
CA ASN A 330 6.98 -3.37 -12.31
C ASN A 330 6.57 -4.07 -13.60
N ARG A 331 6.69 -3.40 -14.74
CA ARG A 331 6.62 -4.06 -16.05
C ARG A 331 7.86 -3.77 -16.88
N ASP A 332 8.94 -3.28 -16.27
CA ASP A 332 10.11 -2.82 -17.02
C ASP A 332 10.80 -4.00 -17.68
N GLU A 333 10.81 -4.00 -19.03
CA GLU A 333 11.40 -5.09 -19.81
C GLU A 333 12.91 -5.26 -19.58
N GLU A 334 13.60 -4.23 -19.10
CA GLU A 334 15.02 -4.37 -18.80
C GLU A 334 15.27 -5.15 -17.51
N VAL A 335 14.28 -5.22 -16.63
CA VAL A 335 14.41 -5.87 -15.34
C VAL A 335 13.72 -7.23 -15.32
N PHE A 336 12.51 -7.32 -15.87
CA PHE A 336 11.70 -8.54 -15.84
C PHE A 336 11.57 -9.10 -17.24
N ASP A 337 11.97 -10.37 -17.42
CA ASP A 337 11.70 -11.08 -18.66
C ASP A 337 10.21 -11.39 -18.79
N ASP A 338 9.63 -11.15 -19.96
CA ASP A 338 8.23 -11.45 -20.21
C ASP A 338 7.34 -10.80 -19.13
N PRO A 339 7.42 -9.47 -18.98
CA PRO A 339 6.82 -8.84 -17.80
C PRO A 339 5.30 -8.95 -17.74
N TYR A 340 4.62 -9.22 -18.86
CA TYR A 340 3.17 -9.32 -18.83
C TYR A 340 2.66 -10.72 -18.52
N THR A 341 3.56 -11.67 -18.23
N THR A 341 3.56 -11.68 -18.29
CA THR A 341 3.18 -13.00 -17.76
CA THR A 341 3.17 -12.96 -17.71
C THR A 341 3.13 -13.03 -16.24
C THR A 341 2.99 -12.83 -16.21
N PHE A 342 2.04 -13.59 -15.68
CA PHE A 342 1.90 -13.79 -14.24
C PHE A 342 2.51 -15.16 -13.93
N ASP A 343 3.69 -15.15 -13.30
CA ASP A 343 4.48 -16.36 -13.06
C ASP A 343 4.85 -16.42 -11.58
N ILE A 344 4.17 -17.28 -10.82
CA ILE A 344 4.36 -17.27 -9.37
C ILE A 344 5.71 -17.84 -8.93
N THR A 345 6.50 -18.36 -9.87
CA THR A 345 7.85 -18.79 -9.56
C THR A 345 8.90 -17.81 -10.02
N ARG A 346 8.51 -16.60 -10.44
CA ARG A 346 9.45 -15.62 -10.98
C ARG A 346 10.54 -15.31 -9.96
N SER A 347 11.79 -15.48 -10.37
CA SER A 347 12.88 -15.28 -9.43
C SER A 347 14.17 -15.02 -10.21
N PRO A 348 14.97 -14.02 -9.83
CA PRO A 348 14.61 -13.04 -8.81
C PRO A 348 13.47 -12.13 -9.24
N ASN A 349 13.00 -11.31 -8.31
CA ASN A 349 11.82 -10.49 -8.54
C ASN A 349 11.97 -9.18 -7.77
N PRO A 350 12.85 -8.27 -8.24
CA PRO A 350 13.11 -6.99 -7.56
C PRO A 350 12.03 -5.94 -7.86
N HIS A 351 10.78 -6.28 -7.54
CA HIS A 351 9.69 -5.35 -7.81
C HIS A 351 9.77 -4.15 -6.85
N LEU A 352 9.09 -3.06 -7.26
CA LEU A 352 9.09 -1.79 -6.53
C LEU A 352 7.74 -1.51 -5.87
N ALA A 353 6.98 -2.56 -5.56
CA ALA A 353 5.64 -2.35 -5.00
C ALA A 353 5.72 -1.66 -3.64
N PHE A 354 6.80 -1.86 -2.91
CA PHE A 354 7.02 -1.26 -1.61
C PHE A 354 7.87 0.01 -1.69
N GLY A 355 8.16 0.50 -2.89
CA GLY A 355 9.06 1.61 -3.08
C GLY A 355 10.38 1.18 -3.70
N GLY A 356 11.16 2.17 -4.13
CA GLY A 356 12.47 1.89 -4.68
C GLY A 356 13.45 1.47 -3.59
N GLY A 357 14.17 0.38 -3.83
CA GLY A 357 15.09 -0.08 -2.81
C GLY A 357 16.14 0.97 -2.54
N GLY A 358 16.42 1.24 -1.28
CA GLY A 358 17.35 2.29 -0.94
C GLY A 358 16.70 3.60 -0.55
N GLY A 359 15.42 3.80 -0.85
CA GLY A 359 14.75 5.02 -0.44
C GLY A 359 14.53 5.00 1.06
N PRO A 360 14.65 6.15 1.73
CA PRO A 360 14.46 6.18 3.19
C PRO A 360 13.03 5.91 3.65
N HIS A 361 12.04 6.09 2.79
CA HIS A 361 10.63 5.85 3.11
C HIS A 361 10.17 4.43 2.73
N TYR A 362 11.08 3.54 2.32
CA TYR A 362 10.67 2.21 1.89
C TYR A 362 9.73 1.59 2.92
N CYS A 363 8.66 0.98 2.43
CA CYS A 363 7.54 0.53 3.26
C CYS A 363 7.98 -0.08 4.59
N LEU A 364 7.54 0.54 5.69
CA LEU A 364 7.85 0.04 7.03
C LEU A 364 7.12 -1.27 7.32
N GLY A 365 5.99 -1.51 6.66
CA GLY A 365 5.20 -2.69 6.89
C GLY A 365 5.42 -3.82 5.89
N ALA A 366 6.51 -3.78 5.12
CA ALA A 366 6.67 -4.77 4.05
C ALA A 366 6.71 -6.20 4.59
N ASN A 367 7.35 -6.40 5.75
CA ASN A 367 7.40 -7.73 6.37
C ASN A 367 6.02 -8.20 6.76
N LEU A 368 5.24 -7.32 7.39
CA LEU A 368 3.87 -7.66 7.76
C LEU A 368 2.99 -7.93 6.54
N ALA A 369 3.08 -7.07 5.52
CA ALA A 369 2.28 -7.27 4.32
C ALA A 369 2.58 -8.63 3.67
N ARG A 370 3.88 -8.95 3.53
CA ARG A 370 4.24 -10.24 2.92
C ARG A 370 3.70 -11.41 3.73
N LEU A 371 3.77 -11.32 5.06
CA LEU A 371 3.28 -12.40 5.92
C LEU A 371 1.77 -12.57 5.78
N GLU A 372 1.02 -11.46 5.82
CA GLU A 372 -0.42 -11.54 5.63
C GLU A 372 -0.77 -12.18 4.29
N ILE A 373 -0.15 -11.72 3.21
CA ILE A 373 -0.48 -12.27 1.90
C ILE A 373 -0.07 -13.74 1.83
N ARG A 374 1.12 -14.08 2.32
CA ARG A 374 1.57 -15.47 2.28
C ARG A 374 0.61 -16.40 3.02
N VAL A 375 0.29 -16.06 4.27
CA VAL A 375 -0.57 -16.91 5.08
C VAL A 375 -1.95 -17.06 4.45
N MET A 376 -2.51 -15.96 3.92
CA MET A 376 -3.85 -16.04 3.36
C MET A 376 -3.90 -16.96 2.14
N PHE A 377 -2.91 -16.86 1.25
CA PHE A 377 -2.97 -17.71 0.06
C PHE A 377 -2.57 -19.15 0.37
N GLU A 378 -1.71 -19.37 1.37
CA GLU A 378 -1.49 -20.73 1.86
C GLU A 378 -2.80 -21.36 2.32
N GLU A 379 -3.60 -20.60 3.07
CA GLU A 379 -4.85 -21.13 3.61
C GLU A 379 -5.90 -21.31 2.52
N LEU A 380 -5.99 -20.37 1.58
CA LEU A 380 -6.94 -20.56 0.47
C LEU A 380 -6.54 -21.76 -0.39
N ALA A 381 -5.25 -21.95 -0.59
CA ALA A 381 -4.80 -23.05 -1.44
C ALA A 381 -4.98 -24.40 -0.77
N GLU A 382 -4.82 -24.47 0.56
CA GLU A 382 -4.84 -25.74 1.26
C GLU A 382 -6.26 -26.28 1.43
N ILE A 383 -7.23 -25.42 1.70
CA ILE A 383 -8.59 -25.91 1.89
C ILE A 383 -9.11 -26.52 0.58
N MET A 384 -8.48 -26.19 -0.53
CA MET A 384 -8.78 -26.62 -1.88
C MET A 384 -10.22 -26.37 -2.30
N PRO A 385 -10.81 -25.21 -2.01
CA PRO A 385 -12.16 -24.96 -2.52
C PRO A 385 -12.10 -24.59 -3.99
N ASP A 386 -13.20 -24.87 -4.68
CA ASP A 386 -13.33 -24.34 -6.04
C ASP A 386 -13.90 -22.94 -5.91
N ILE A 387 -13.08 -21.94 -6.24
CA ILE A 387 -13.49 -20.54 -6.22
C ILE A 387 -13.79 -20.12 -7.66
N GLU A 388 -14.91 -19.42 -7.85
CA GLU A 388 -15.21 -18.88 -9.17
C GLU A 388 -15.86 -17.51 -9.06
N LEU A 389 -15.61 -16.70 -10.09
CA LEU A 389 -16.23 -15.39 -10.17
C LEU A 389 -17.69 -15.53 -10.57
N THR A 390 -18.55 -14.79 -9.89
CA THR A 390 -19.96 -14.74 -10.27
C THR A 390 -20.34 -13.38 -10.85
N GLY A 391 -19.36 -12.63 -11.33
CA GLY A 391 -19.58 -11.28 -11.80
C GLY A 391 -18.28 -10.50 -11.81
N PRO A 392 -18.26 -9.34 -12.45
CA PRO A 392 -17.01 -8.59 -12.60
C PRO A 392 -16.66 -7.87 -11.32
N PRO A 393 -15.37 -7.81 -10.98
CA PRO A 393 -14.96 -6.98 -9.84
C PRO A 393 -15.20 -5.50 -10.15
N GLU A 394 -15.45 -4.74 -9.08
CA GLU A 394 -15.66 -3.29 -9.18
C GLU A 394 -14.44 -2.58 -8.63
N ARG A 395 -13.80 -1.75 -9.47
CA ARG A 395 -12.57 -1.04 -9.11
C ARG A 395 -12.86 0.16 -8.23
N LEU A 396 -11.92 0.48 -7.35
CA LEU A 396 -11.95 1.78 -6.68
C LEU A 396 -11.59 2.86 -7.69
N ARG A 397 -12.35 3.95 -7.69
CA ARG A 397 -11.94 5.12 -8.47
C ARG A 397 -10.84 5.84 -7.73
N SER A 398 -9.64 5.89 -8.30
CA SER A 398 -8.47 6.44 -7.62
C SER A 398 -7.38 6.73 -8.64
N ASN A 399 -6.52 7.70 -8.34
CA ASN A 399 -5.32 7.89 -9.14
C ASN A 399 -4.08 7.44 -8.40
N PHE A 400 -4.25 6.69 -7.32
CA PHE A 400 -3.22 6.37 -6.35
C PHE A 400 -3.19 4.88 -6.01
N ILE A 401 -4.34 4.34 -5.64
CA ILE A 401 -4.47 2.94 -5.23
C ILE A 401 -5.06 2.14 -6.38
N ASN A 402 -4.47 0.98 -6.68
CA ASN A 402 -5.06 0.03 -7.64
C ASN A 402 -5.92 -0.93 -6.84
N GLY A 403 -7.19 -0.59 -6.65
CA GLY A 403 -8.01 -1.20 -5.61
C GLY A 403 -9.25 -1.87 -6.17
N ILE A 404 -9.71 -2.88 -5.46
CA ILE A 404 -10.94 -3.58 -5.78
C ILE A 404 -11.92 -3.37 -4.62
N LYS A 405 -13.10 -2.84 -4.94
CA LYS A 405 -14.11 -2.55 -3.90
C LYS A 405 -14.97 -3.77 -3.62
N HIS A 406 -15.34 -4.51 -4.66
CA HIS A 406 -16.19 -5.69 -4.52
C HIS A 406 -15.79 -6.70 -5.57
N MET A 407 -15.95 -7.97 -5.23
CA MET A 407 -15.62 -9.03 -6.18
C MET A 407 -16.43 -10.28 -5.83
N PRO A 408 -17.59 -10.44 -6.46
CA PRO A 408 -18.48 -11.56 -6.08
C PRO A 408 -17.90 -12.89 -6.52
N VAL A 409 -17.89 -13.85 -5.59
CA VAL A 409 -17.37 -15.18 -5.85
C VAL A 409 -18.29 -16.21 -5.21
N ARG A 410 -18.16 -17.45 -5.69
CA ARG A 410 -18.84 -18.60 -5.13
C ARG A 410 -17.83 -19.67 -4.78
N PHE A 411 -18.00 -20.28 -3.60
CA PHE A 411 -17.18 -21.41 -3.17
C PHE A 411 -17.95 -22.73 -3.35
#